data_3CR3
#
_entry.id   3CR3
#
_cell.length_a   74.133
_cell.length_b   146.842
_cell.length_c   58.483
_cell.angle_alpha   90.00
_cell.angle_beta   90.00
_cell.angle_gamma   90.00
#
_symmetry.space_group_name_H-M   'P 21 21 2'
#
loop_
_entity.id
_entity.type
_entity.pdbx_description
1 polymer 'PTS-dependent dihydroxyacetone kinase, ADP-binding subunit dhaL'
2 polymer 'PTS-dependent dihydroxyacetone kinase, phosphotransferase subunit dhaM'
3 non-polymer 'MAGNESIUM ION'
4 non-polymer "ADENOSINE-5'-DIPHOSPHATE"
5 water water
#
loop_
_entity_poly.entity_id
_entity_poly.type
_entity_poly.pdbx_seq_one_letter_code
_entity_poly.pdbx_strand_id
1 'polypeptide(L)'
;LLTIDTTIEWLGKFNEKIQENKAYLSELDGPIGDGDHGAN(MSE)ARG(MSE)SET(MSE)KALEVSNFGNVSEIFKKVA
(MSE)TL(MSE)SKVGGASGPLYGSAFLA(MSE)SKTAIETLDTSELIYAGLEAIQKRGKAQVGEKT(MSE)VDIWSAFL
NDLQTDSASKDNLEKVVKASAGLLATKGRASYLGERSIGHIDPGTQSSAYLFETLLEVVA
;
A,B
2 'polypeptide(L)'
;YGIVIVSHSPEIASGLKKLIREVAKNISLTAIGGLENGEIGTSFDRV(MSE)NAIEENEADNLLTFFDLGSAR(MSE)NL
DLVSE(MSE)TDKELTIFNVPLIEGAYTASALLEAGATFEAIKEQLEK(MSE)LIEK
;
C,D
#
# COMPACT_ATOMS: atom_id res chain seq x y z
N LEU A 1 41.03 25.97 -8.55
CA LEU A 1 40.34 25.19 -7.45
C LEU A 1 39.51 26.16 -6.62
N LEU A 2 38.48 25.63 -5.97
CA LEU A 2 37.61 26.40 -5.10
C LEU A 2 38.30 26.82 -3.82
N THR A 3 37.82 27.91 -3.25
CA THR A 3 38.24 28.41 -1.96
C THR A 3 36.97 28.67 -1.16
N ILE A 4 37.10 29.00 0.12
CA ILE A 4 35.97 29.44 0.95
C ILE A 4 35.11 30.50 0.27
N ASP A 5 35.77 31.56 -0.24
CA ASP A 5 35.07 32.69 -0.84
C ASP A 5 34.39 32.33 -2.19
N THR A 6 35.09 31.59 -3.05
CA THR A 6 34.52 31.24 -4.35
C THR A 6 33.50 30.12 -4.25
N THR A 7 33.64 29.26 -3.25
CA THR A 7 32.62 28.26 -2.95
C THR A 7 31.32 28.94 -2.52
N ILE A 8 31.43 29.92 -1.61
CA ILE A 8 30.25 30.68 -1.20
C ILE A 8 29.68 31.49 -2.38
N GLU A 9 30.56 32.05 -3.19
CA GLU A 9 30.15 32.71 -4.42
C GLU A 9 29.37 31.74 -5.33
N TRP A 10 29.90 30.53 -5.50
CA TRP A 10 29.35 29.54 -6.43
C TRP A 10 27.94 29.15 -6.02
N LEU A 11 27.79 28.80 -4.75
CA LEU A 11 26.51 28.39 -4.21
C LEU A 11 25.46 29.51 -4.24
N GLY A 12 25.91 30.76 -4.10
CA GLY A 12 25.03 31.92 -4.20
C GLY A 12 24.49 32.06 -5.61
N LYS A 13 25.36 31.95 -6.60
CA LYS A 13 24.96 31.97 -8.01
C LYS A 13 24.05 30.81 -8.38
N PHE A 14 24.34 29.62 -7.83
CA PHE A 14 23.48 28.45 -7.97
C PHE A 14 22.09 28.69 -7.37
N ASN A 15 22.03 29.16 -6.11
CA ASN A 15 20.75 29.57 -5.51
C ASN A 15 19.98 30.54 -6.40
N GLU A 16 20.69 31.50 -7.02
CA GLU A 16 20.07 32.48 -7.92
C GLU A 16 19.46 31.82 -9.16
N LYS A 17 20.18 30.92 -9.81
CA LYS A 17 19.65 30.16 -10.94
C LYS A 17 18.44 29.33 -10.53
N ILE A 18 18.49 28.78 -9.32
CA ILE A 18 17.42 27.94 -8.78
C ILE A 18 16.15 28.76 -8.54
N GLN A 19 16.28 29.89 -7.84
CA GLN A 19 15.16 30.81 -7.60
C GLN A 19 14.57 31.37 -8.89
N GLU A 20 15.43 31.75 -9.82
CA GLU A 20 15.01 32.28 -11.10
C GLU A 20 14.18 31.27 -11.90
N ASN A 21 14.65 30.03 -11.94
CA ASN A 21 14.05 28.99 -12.75
C ASN A 21 13.19 27.98 -12.02
N LYS A 22 12.69 28.34 -10.84
CA LYS A 22 11.92 27.37 -10.01
C LYS A 22 10.62 26.87 -10.61
N ALA A 23 9.83 27.76 -11.21
CA ALA A 23 8.60 27.36 -11.90
C ALA A 23 8.95 26.39 -13.04
N TYR A 24 10.03 26.68 -13.77
CA TYR A 24 10.43 25.83 -14.90
C TYR A 24 10.82 24.42 -14.45
N LEU A 25 11.59 24.32 -13.36
CA LEU A 25 11.95 23.01 -12.82
C LEU A 25 10.77 22.17 -12.35
N SER A 26 9.80 22.80 -11.70
CA SER A 26 8.59 22.12 -11.29
C SER A 26 7.73 21.74 -12.52
N GLU A 27 7.80 22.55 -13.56
CA GLU A 27 7.11 22.29 -14.83
C GLU A 27 7.68 21.03 -15.47
N LEU A 28 8.99 20.94 -15.52
CA LEU A 28 9.66 19.73 -15.95
C LEU A 28 9.26 18.50 -15.12
N ASP A 29 8.97 18.71 -13.83
CA ASP A 29 8.60 17.64 -12.89
C ASP A 29 7.10 17.30 -12.94
N GLY A 30 6.39 17.91 -13.89
CA GLY A 30 4.95 17.67 -14.06
C GLY A 30 4.63 16.41 -14.84
N PRO A 31 5.05 16.35 -16.13
CA PRO A 31 4.71 15.17 -16.94
C PRO A 31 5.33 13.88 -16.40
N ILE A 32 6.49 14.01 -15.76
CA ILE A 32 7.22 12.85 -15.31
C ILE A 32 7.53 12.88 -13.82
N GLY A 33 6.64 13.51 -13.04
CA GLY A 33 6.80 13.49 -11.59
C GLY A 33 5.63 14.14 -10.90
N ASP A 34 5.87 14.72 -9.73
CA ASP A 34 4.80 15.33 -8.95
C ASP A 34 4.79 16.85 -8.95
N GLY A 35 5.52 17.46 -9.88
CA GLY A 35 5.48 18.91 -10.08
C GLY A 35 6.01 19.77 -8.94
N ASP A 36 7.07 19.30 -8.28
CA ASP A 36 7.62 19.97 -7.10
C ASP A 36 9.14 20.19 -7.10
N HIS A 37 9.87 19.74 -8.13
CA HIS A 37 11.34 19.82 -8.06
C HIS A 37 11.87 21.24 -7.84
N GLY A 38 11.35 22.20 -8.60
CA GLY A 38 11.71 23.61 -8.47
C GLY A 38 11.43 24.17 -7.10
N ALA A 39 10.21 23.96 -6.61
CA ALA A 39 9.81 24.30 -5.23
C ALA A 39 10.76 23.69 -4.19
N ASN A 40 11.04 22.38 -4.32
CA ASN A 40 11.95 21.61 -3.46
C ASN A 40 13.33 22.26 -3.38
N ALA A 42 14.24 25.31 -4.45
CA ALA A 42 14.16 26.71 -4.03
C ALA A 42 14.21 26.84 -2.53
N ARG A 43 13.40 26.02 -1.86
CA ARG A 43 13.37 25.90 -0.40
C ARG A 43 14.75 25.50 0.13
N GLY A 44 15.28 24.40 -0.40
CA GLY A 44 16.54 23.86 0.08
C GLY A 44 17.70 24.83 -0.07
N SER A 46 17.42 28.24 -0.61
CA SER A 46 17.17 29.45 0.20
C SER A 46 17.64 29.20 1.62
N GLU A 47 17.17 28.12 2.22
CA GLU A 47 17.62 27.66 3.52
C GLU A 47 19.14 27.46 3.61
N THR A 48 19.75 26.86 2.59
CA THR A 48 21.20 26.70 2.52
C THR A 48 21.92 28.05 2.62
N LYS A 50 20.80 30.89 3.74
CA LYS A 50 20.55 31.42 5.09
C LYS A 50 21.55 30.82 6.08
N ALA A 51 21.66 29.50 6.08
CA ALA A 51 22.55 28.77 7.00
C ALA A 51 24.02 29.12 6.81
N LEU A 52 24.43 29.37 5.56
CA LEU A 52 25.81 29.77 5.27
C LEU A 52 26.15 31.18 5.78
N GLU A 53 25.15 32.06 5.83
CA GLU A 53 25.33 33.44 6.31
C GLU A 53 25.68 33.51 7.80
N VAL A 54 24.97 32.74 8.62
CA VAL A 54 25.16 32.78 10.08
C VAL A 54 26.40 32.03 10.55
N SER A 55 26.87 31.08 9.75
CA SER A 55 28.04 30.30 10.12
C SER A 55 29.33 30.99 9.66
N ASN A 56 30.44 30.62 10.32
CA ASN A 56 31.76 31.11 9.97
C ASN A 56 32.67 29.91 9.71
N PHE A 57 33.10 29.77 8.45
CA PHE A 57 33.74 28.53 7.99
C PHE A 57 35.26 28.56 8.06
N GLY A 58 35.82 27.48 8.61
CA GLY A 58 37.27 27.30 8.65
C GLY A 58 37.82 26.77 7.34
N ASN A 59 36.99 26.02 6.62
CA ASN A 59 37.40 25.45 5.33
C ASN A 59 36.21 25.10 4.42
N VAL A 60 36.54 24.64 3.21
CA VAL A 60 35.56 24.28 2.19
C VAL A 60 34.78 23.04 2.59
N SER A 61 35.46 22.03 3.14
CA SER A 61 34.79 20.84 3.67
C SER A 61 33.61 21.21 4.59
N GLU A 62 33.83 22.13 5.53
CA GLU A 62 32.75 22.63 6.39
C GLU A 62 31.56 23.21 5.62
N ILE A 63 31.83 23.96 4.55
CA ILE A 63 30.74 24.50 3.72
C ILE A 63 29.88 23.38 3.14
N PHE A 64 30.53 22.43 2.47
CA PHE A 64 29.85 21.30 1.85
C PHE A 64 29.03 20.49 2.88
N LYS A 65 29.59 20.29 4.08
CA LYS A 65 28.88 19.59 5.15
C LYS A 65 27.58 20.32 5.53
N LYS A 66 27.66 21.64 5.60
CA LYS A 66 26.52 22.50 5.92
C LYS A 66 25.45 22.45 4.81
N VAL A 67 25.92 22.41 3.58
CA VAL A 67 25.03 22.27 2.41
C VAL A 67 24.32 20.93 2.50
N ALA A 68 25.09 19.86 2.70
CA ALA A 68 24.52 18.52 2.77
C ALA A 68 23.39 18.39 3.82
N THR A 70 21.61 20.83 5.37
CA THR A 70 20.49 21.73 5.06
C THR A 70 19.56 21.13 3.99
N LEU A 71 20.14 20.66 2.89
CA LEU A 71 19.37 20.03 1.81
C LEU A 71 18.68 18.75 2.30
N SER A 73 17.60 18.08 5.33
CA SER A 73 16.47 18.46 6.18
C SER A 73 15.33 19.13 5.41
N LYS A 74 15.66 20.08 4.53
CA LYS A 74 14.68 21.01 3.97
C LYS A 74 14.06 20.63 2.60
N VAL A 75 14.63 19.63 1.93
CA VAL A 75 14.08 19.10 0.67
C VAL A 75 13.32 17.78 0.95
N GLY A 76 12.03 17.72 0.63
CA GLY A 76 11.19 16.57 0.98
C GLY A 76 11.09 15.46 -0.06
N GLY A 77 11.75 15.65 -1.21
CA GLY A 77 11.79 14.66 -2.28
C GLY A 77 13.15 14.00 -2.45
N ALA A 78 13.26 13.15 -3.46
CA ALA A 78 14.47 12.40 -3.79
C ALA A 78 15.71 13.28 -3.92
N SER A 79 15.53 14.48 -4.44
CA SER A 79 16.68 15.39 -4.63
C SER A 79 17.40 15.72 -3.30
N GLY A 80 16.70 15.62 -2.18
CA GLY A 80 17.31 15.83 -0.85
C GLY A 80 18.39 14.82 -0.50
N PRO A 81 18.02 13.54 -0.31
CA PRO A 81 19.03 12.50 -0.13
C PRO A 81 20.10 12.49 -1.22
N LEU A 82 19.75 12.86 -2.44
CA LEU A 82 20.71 12.80 -3.56
C LEU A 82 21.77 13.91 -3.54
N TYR A 83 21.32 15.16 -3.59
CA TYR A 83 22.23 16.30 -3.47
C TYR A 83 22.95 16.31 -2.11
N GLY A 84 22.20 15.96 -1.06
CA GLY A 84 22.73 15.88 0.32
C GLY A 84 23.89 14.90 0.42
N SER A 85 23.72 13.72 -0.16
CA SER A 85 24.80 12.73 -0.16
C SER A 85 25.94 13.15 -1.10
N ALA A 86 25.61 13.79 -2.21
CA ALA A 86 26.63 14.35 -3.09
C ALA A 86 27.50 15.32 -2.28
N PHE A 87 26.87 16.30 -1.64
CA PHE A 87 27.63 17.27 -0.88
C PHE A 87 28.39 16.69 0.31
N LEU A 88 27.83 15.66 0.94
CA LEU A 88 28.47 15.02 2.07
C LEU A 88 29.79 14.37 1.66
N ALA A 89 29.78 13.68 0.53
CA ALA A 89 30.99 13.03 0.00
C ALA A 89 32.01 14.08 -0.41
N SER A 91 32.21 17.02 0.88
CA SER A 91 32.73 17.51 2.15
C SER A 91 33.92 16.67 2.60
N LYS A 92 33.77 15.35 2.56
CA LYS A 92 34.83 14.45 3.03
C LYS A 92 36.06 14.54 2.12
N THR A 93 35.85 14.54 0.81
CA THR A 93 36.96 14.71 -0.16
C THR A 93 37.70 16.04 0.06
N ALA A 94 36.95 17.14 0.27
CA ALA A 94 37.51 18.48 0.44
C ALA A 94 38.51 18.66 1.60
N ILE A 95 38.48 17.75 2.58
CA ILE A 95 39.44 17.82 3.69
C ILE A 95 40.85 17.61 3.15
N GLU A 96 40.96 16.81 2.11
CA GLU A 96 42.25 16.41 1.55
C GLU A 96 42.60 17.08 0.22
N THR A 97 41.60 17.34 -0.61
CA THR A 97 41.81 17.96 -1.92
C THR A 97 40.62 18.79 -2.38
N LEU A 98 40.91 19.91 -3.03
CA LEU A 98 39.87 20.75 -3.63
C LEU A 98 39.93 20.69 -5.16
N ASP A 99 40.66 19.72 -5.70
CA ASP A 99 40.62 19.45 -7.15
C ASP A 99 39.18 19.27 -7.61
N THR A 100 38.80 20.01 -8.65
CA THR A 100 37.42 20.07 -9.10
C THR A 100 36.88 18.72 -9.57
N SER A 101 37.64 18.00 -10.41
CA SER A 101 37.17 16.69 -10.88
C SER A 101 37.10 15.65 -9.74
N GLU A 102 38.05 15.69 -8.81
CA GLU A 102 37.98 14.83 -7.60
C GLU A 102 36.71 15.04 -6.76
N LEU A 103 36.29 16.28 -6.62
CA LEU A 103 35.04 16.62 -5.90
C LEU A 103 33.83 16.06 -6.64
N ILE A 104 33.73 16.36 -7.92
CA ILE A 104 32.62 15.93 -8.74
C ILE A 104 32.57 14.40 -8.72
N TYR A 105 33.73 13.76 -8.75
CA TYR A 105 33.82 12.31 -8.68
C TYR A 105 33.21 11.83 -7.37
N ALA A 106 33.61 12.44 -6.26
CA ALA A 106 33.04 12.09 -4.96
C ALA A 106 31.51 12.22 -5.01
N GLY A 107 31.02 13.35 -5.50
CA GLY A 107 29.57 13.60 -5.59
C GLY A 107 28.82 12.57 -6.43
N LEU A 108 29.36 12.27 -7.61
CA LEU A 108 28.74 11.28 -8.54
C LEU A 108 28.65 9.90 -7.91
N GLU A 109 29.77 9.46 -7.34
CA GLU A 109 29.86 8.17 -6.68
C GLU A 109 28.80 8.05 -5.58
N ALA A 110 28.65 9.12 -4.81
CA ALA A 110 27.66 9.17 -3.73
C ALA A 110 26.20 9.17 -4.24
N ILE A 111 25.92 9.88 -5.33
CA ILE A 111 24.56 9.89 -5.91
C ILE A 111 24.23 8.50 -6.44
N GLN A 112 25.20 7.87 -7.09
CA GLN A 112 25.01 6.54 -7.62
C GLN A 112 24.82 5.52 -6.50
N LYS A 113 25.58 5.65 -5.42
CA LYS A 113 25.40 4.80 -4.24
C LYS A 113 24.01 4.99 -3.62
N ARG A 114 23.53 6.23 -3.59
CA ARG A 114 22.29 6.54 -2.85
C ARG A 114 21.02 6.14 -3.61
N GLY A 115 20.98 6.45 -4.90
CA GLY A 115 19.82 6.16 -5.73
C GLY A 115 20.01 4.95 -6.64
N LYS A 116 21.22 4.40 -6.70
CA LYS A 116 21.53 3.20 -7.52
C LYS A 116 21.31 3.34 -9.03
N ALA A 117 21.43 4.57 -9.54
CA ALA A 117 21.19 4.82 -10.96
C ALA A 117 22.47 4.62 -11.76
N GLN A 118 22.33 3.98 -12.90
CA GLN A 118 23.40 3.88 -13.87
C GLN A 118 23.31 5.07 -14.82
N VAL A 119 24.40 5.36 -15.52
CA VAL A 119 24.37 6.38 -16.54
C VAL A 119 23.40 5.95 -17.65
N GLY A 120 22.58 6.90 -18.11
CA GLY A 120 21.59 6.64 -19.17
C GLY A 120 20.20 6.35 -18.68
N GLU A 121 20.01 6.43 -17.37
CA GLU A 121 18.71 6.09 -16.78
C GLU A 121 17.78 7.28 -16.62
N LYS A 122 18.18 8.41 -17.21
CA LYS A 122 17.39 9.65 -17.22
C LYS A 122 17.32 10.28 -15.83
N THR A 123 18.47 10.43 -15.18
CA THR A 123 18.53 11.17 -13.91
C THR A 123 19.74 12.11 -13.94
N VAL A 125 22.42 11.80 -12.48
CA VAL A 125 23.61 10.96 -12.69
C VAL A 125 24.20 11.14 -14.10
N ASP A 126 23.32 11.33 -15.08
CA ASP A 126 23.74 11.45 -16.48
C ASP A 126 24.60 12.69 -16.70
N ILE A 127 24.21 13.81 -16.07
CA ILE A 127 24.95 15.03 -16.28
C ILE A 127 26.18 15.09 -15.36
N TRP A 128 26.07 14.54 -14.14
CA TRP A 128 27.22 14.47 -13.24
C TRP A 128 28.35 13.70 -13.93
N SER A 129 27.99 12.58 -14.57
CA SER A 129 28.95 11.74 -15.29
C SER A 129 29.51 12.44 -16.52
N ALA A 130 28.63 13.02 -17.34
CA ALA A 130 29.07 13.74 -18.55
C ALA A 130 29.97 14.93 -18.20
N PHE A 131 29.64 15.63 -17.12
CA PHE A 131 30.42 16.79 -16.71
C PHE A 131 31.82 16.40 -16.22
N LEU A 132 31.89 15.35 -15.40
CA LEU A 132 33.20 14.81 -14.95
C LEU A 132 34.05 14.34 -16.12
N ASN A 133 33.45 13.59 -17.03
CA ASN A 133 34.16 13.13 -18.22
C ASN A 133 34.78 14.33 -18.96
N ASP A 134 33.98 15.39 -19.11
CA ASP A 134 34.43 16.63 -19.76
C ASP A 134 35.61 17.29 -19.04
N LEU A 135 35.52 17.39 -17.71
CA LEU A 135 36.60 17.93 -16.89
C LEU A 135 37.90 17.12 -17.08
N GLN A 136 37.76 15.80 -17.15
CA GLN A 136 38.90 14.88 -17.31
C GLN A 136 39.51 14.94 -18.71
N THR A 137 38.77 15.54 -19.64
CA THR A 137 39.24 15.71 -21.01
C THR A 137 39.39 17.19 -21.34
N ASP A 138 39.39 18.01 -20.28
CA ASP A 138 39.46 19.48 -20.37
C ASP A 138 38.56 20.04 -21.47
N SER A 139 37.28 19.71 -21.40
CA SER A 139 36.33 20.09 -22.42
C SER A 139 34.97 20.46 -21.82
N ALA A 140 34.96 20.76 -20.52
CA ALA A 140 33.74 21.17 -19.83
C ALA A 140 33.28 22.56 -20.27
N SER A 141 31.98 22.70 -20.51
CA SER A 141 31.42 23.94 -21.01
C SER A 141 29.92 24.00 -20.79
N LYS A 142 29.38 25.23 -20.73
CA LYS A 142 27.94 25.43 -20.64
C LYS A 142 27.20 24.81 -21.82
N ASP A 143 27.76 24.96 -23.02
CA ASP A 143 27.20 24.35 -24.22
C ASP A 143 27.07 22.83 -24.04
N ASN A 144 28.13 22.19 -23.56
CA ASN A 144 28.11 20.73 -23.34
C ASN A 144 27.12 20.31 -22.25
N LEU A 145 26.98 21.14 -21.22
CA LEU A 145 25.95 20.93 -20.20
C LEU A 145 24.53 20.95 -20.79
N GLU A 146 24.22 22.01 -21.55
CA GLU A 146 22.92 22.15 -22.18
C GLU A 146 22.61 20.97 -23.14
N LYS A 147 23.64 20.49 -23.83
CA LYS A 147 23.51 19.30 -24.67
C LYS A 147 22.97 18.09 -23.89
N VAL A 148 23.55 17.82 -22.72
CA VAL A 148 23.10 16.71 -21.87
C VAL A 148 21.67 16.89 -21.36
N VAL A 149 21.32 18.11 -20.99
CA VAL A 149 19.95 18.43 -20.56
C VAL A 149 18.93 18.12 -21.67
N LYS A 150 19.21 18.58 -22.88
CA LYS A 150 18.32 18.32 -24.00
C LYS A 150 18.25 16.83 -24.30
N ALA A 151 19.40 16.16 -24.22
CA ALA A 151 19.50 14.72 -24.48
C ALA A 151 18.70 13.91 -23.49
N SER A 152 18.46 14.46 -22.29
CA SER A 152 17.69 13.73 -21.29
C SER A 152 16.28 13.43 -21.76
N ALA A 153 15.75 14.26 -22.66
CA ALA A 153 14.37 14.09 -23.16
C ALA A 153 14.18 12.73 -23.86
N GLY A 154 15.15 12.33 -24.67
CA GLY A 154 15.02 11.10 -25.48
C GLY A 154 15.08 9.79 -24.69
N LEU A 155 15.50 9.87 -23.43
CA LEU A 155 15.72 8.68 -22.61
C LEU A 155 14.43 8.17 -21.98
N LEU A 156 14.33 6.85 -21.85
CA LEU A 156 13.33 6.18 -21.01
C LEU A 156 13.74 6.33 -19.54
N ALA A 157 12.83 6.83 -18.72
CA ALA A 157 13.07 6.92 -17.28
C ALA A 157 12.98 5.54 -16.65
N THR A 158 14.04 5.13 -15.96
CA THR A 158 14.00 3.84 -15.28
C THR A 158 14.24 3.95 -13.77
N LYS A 159 14.24 5.18 -13.27
CA LYS A 159 14.47 5.48 -11.86
C LYS A 159 13.60 6.63 -11.37
N GLY A 160 13.20 6.55 -10.11
CA GLY A 160 12.43 7.64 -9.50
C GLY A 160 10.97 7.65 -9.94
N ARG A 161 10.29 8.75 -9.65
CA ARG A 161 8.87 8.86 -9.99
C ARG A 161 8.60 8.78 -11.48
N ALA A 162 9.52 9.33 -12.28
CA ALA A 162 9.45 9.33 -13.74
C ALA A 162 9.32 7.94 -14.35
N SER A 163 9.95 6.97 -13.71
CA SER A 163 9.94 5.58 -14.16
C SER A 163 8.53 4.99 -14.19
N TYR A 164 7.60 5.57 -13.42
CA TYR A 164 6.24 5.03 -13.33
C TYR A 164 5.47 5.28 -14.61
N LEU A 165 6.00 6.19 -15.44
CA LEU A 165 5.36 6.61 -16.68
C LEU A 165 5.76 5.76 -17.88
N GLY A 166 6.75 4.90 -17.71
CA GLY A 166 7.24 4.05 -18.80
C GLY A 166 7.57 4.86 -20.04
N GLU A 167 7.07 4.41 -21.19
CA GLU A 167 7.31 5.06 -22.49
C GLU A 167 6.82 6.53 -22.56
N ARG A 168 5.82 6.86 -21.76
CA ARG A 168 5.31 8.24 -21.65
C ARG A 168 6.31 9.23 -21.00
N SER A 169 7.44 8.74 -20.51
CA SER A 169 8.51 9.62 -20.00
C SER A 169 9.45 10.13 -21.10
N ILE A 170 9.44 9.45 -22.24
CA ILE A 170 10.20 9.85 -23.42
C ILE A 170 9.62 11.15 -24.01
N GLY A 171 10.49 12.12 -24.28
CA GLY A 171 10.03 13.42 -24.78
C GLY A 171 9.92 14.49 -23.70
N HIS A 172 10.35 14.16 -22.48
CA HIS A 172 10.33 15.11 -21.37
C HIS A 172 11.70 15.25 -20.73
N ILE A 173 12.16 16.50 -20.63
CA ILE A 173 13.45 16.79 -20.00
C ILE A 173 13.40 16.48 -18.50
N ASP A 174 14.42 15.78 -17.97
CA ASP A 174 14.50 15.43 -16.55
C ASP A 174 14.79 16.66 -15.66
N PRO A 175 13.92 16.93 -14.67
CA PRO A 175 14.15 18.11 -13.82
C PRO A 175 15.47 18.12 -13.00
N GLY A 176 15.85 17.00 -12.38
CA GLY A 176 17.12 16.90 -11.67
C GLY A 176 18.32 17.14 -12.56
N THR A 177 18.25 16.66 -13.82
CA THR A 177 19.30 16.90 -14.80
C THR A 177 19.46 18.40 -15.03
N GLN A 178 18.34 19.11 -15.17
CA GLN A 178 18.33 20.55 -15.34
C GLN A 178 18.87 21.28 -14.11
N SER A 179 18.42 20.89 -12.93
CA SER A 179 18.92 21.58 -11.74
C SER A 179 20.43 21.29 -11.62
N SER A 180 20.88 20.09 -11.95
CA SER A 180 22.33 19.82 -11.95
C SER A 180 23.13 20.63 -12.97
N ALA A 181 22.51 20.95 -14.11
CA ALA A 181 23.13 21.82 -15.11
C ALA A 181 23.41 23.22 -14.55
N TYR A 182 22.42 23.77 -13.85
CA TYR A 182 22.57 25.06 -13.17
C TYR A 182 23.73 25.02 -12.18
N LEU A 183 23.87 23.89 -11.49
CA LEU A 183 24.94 23.72 -10.52
C LEU A 183 26.32 23.84 -11.16
N PHE A 184 26.50 23.14 -12.27
CA PHE A 184 27.80 23.06 -12.94
C PHE A 184 28.13 24.27 -13.77
N GLU A 185 27.09 24.85 -14.39
CA GLU A 185 27.22 26.09 -15.14
C GLU A 185 27.73 27.24 -14.25
N THR A 186 27.15 27.38 -13.05
CA THR A 186 27.63 28.38 -12.08
C THR A 186 29.02 28.02 -11.52
N LEU A 187 29.29 26.74 -11.35
CA LEU A 187 30.63 26.28 -10.98
C LEU A 187 31.68 26.73 -12.00
N LEU A 188 31.41 26.48 -13.28
CA LEU A 188 32.32 26.84 -14.37
C LEU A 188 32.61 28.35 -14.40
N GLU A 189 31.57 29.16 -14.15
CA GLU A 189 31.70 30.62 -14.06
C GLU A 189 32.74 31.09 -13.03
N VAL A 190 32.80 30.43 -11.88
CA VAL A 190 33.67 30.93 -10.81
C VAL A 190 35.02 30.22 -10.80
N VAL A 191 35.04 29.02 -11.38
CA VAL A 191 36.19 28.13 -11.31
C VAL A 191 37.02 28.20 -12.59
N ALA A 192 36.36 28.03 -13.74
CA ALA A 192 37.01 28.03 -15.06
C ALA A 192 38.27 27.15 -15.12
N LEU B 1 -38.26 -30.58 4.45
CA LEU B 1 -37.81 -29.34 3.74
C LEU B 1 -38.29 -28.13 4.53
N LEU B 2 -37.50 -27.06 4.49
CA LEU B 2 -37.84 -25.78 5.10
C LEU B 2 -39.13 -25.23 4.53
N THR B 3 -39.87 -24.51 5.38
CA THR B 3 -41.03 -23.76 4.94
C THR B 3 -40.76 -22.29 5.28
N ILE B 4 -41.70 -21.39 4.98
CA ILE B 4 -41.58 -19.99 5.39
C ILE B 4 -41.39 -19.92 6.91
N ASP B 5 -42.21 -20.67 7.64
CA ASP B 5 -42.16 -20.65 9.11
C ASP B 5 -40.90 -21.26 9.73
N THR B 6 -40.47 -22.42 9.24
CA THR B 6 -39.25 -23.03 9.81
C THR B 6 -37.99 -22.28 9.36
N THR B 7 -38.09 -21.53 8.26
CA THR B 7 -36.97 -20.69 7.81
C THR B 7 -36.83 -19.50 8.79
N ILE B 8 -37.94 -18.85 9.11
CA ILE B 8 -37.90 -17.76 10.07
C ILE B 8 -37.46 -18.25 11.45
N GLU B 9 -37.94 -19.43 11.85
CA GLU B 9 -37.52 -20.09 13.09
C GLU B 9 -36.02 -20.37 13.11
N TRP B 10 -35.52 -20.95 12.02
CA TRP B 10 -34.10 -21.24 11.86
C TRP B 10 -33.26 -19.99 12.10
N LEU B 11 -33.60 -18.92 11.40
CA LEU B 11 -32.80 -17.69 11.39
C LEU B 11 -32.82 -16.97 12.74
N GLY B 12 -33.98 -16.97 13.39
CA GLY B 12 -34.11 -16.50 14.78
C GLY B 12 -33.23 -17.32 15.72
N LYS B 13 -33.33 -18.64 15.61
CA LYS B 13 -32.42 -19.54 16.37
C LYS B 13 -30.95 -19.27 16.05
N PHE B 14 -30.59 -19.15 14.77
CA PHE B 14 -29.20 -18.80 14.38
C PHE B 14 -28.74 -17.50 15.01
N ASN B 15 -29.57 -16.45 14.87
CA ASN B 15 -29.28 -15.17 15.52
C ASN B 15 -29.00 -15.29 17.02
N GLU B 16 -29.83 -16.06 17.71
CA GLU B 16 -29.65 -16.33 19.14
C GLU B 16 -28.29 -16.94 19.45
N LYS B 17 -27.92 -18.01 18.75
CA LYS B 17 -26.58 -18.60 18.85
C LYS B 17 -25.44 -17.61 18.60
N ILE B 18 -25.59 -16.74 17.60
CA ILE B 18 -24.57 -15.73 17.29
C ILE B 18 -24.43 -14.70 18.43
N GLN B 19 -25.56 -14.16 18.90
CA GLN B 19 -25.55 -13.15 19.96
C GLN B 19 -24.92 -13.70 21.23
N GLU B 20 -25.31 -14.92 21.58
CA GLU B 20 -24.84 -15.62 22.78
C GLU B 20 -23.36 -15.99 22.69
N ASN B 21 -22.86 -16.18 21.46
CA ASN B 21 -21.48 -16.60 21.29
C ASN B 21 -20.59 -15.57 20.60
N LYS B 22 -21.04 -14.32 20.49
CA LYS B 22 -20.28 -13.31 19.74
C LYS B 22 -18.85 -13.10 20.27
N ALA B 23 -18.69 -13.11 21.61
CA ALA B 23 -17.36 -12.95 22.21
C ALA B 23 -16.40 -14.09 21.88
N TYR B 24 -16.89 -15.33 21.97
CA TYR B 24 -16.06 -16.50 21.60
C TYR B 24 -15.64 -16.48 20.12
N LEU B 25 -16.55 -16.07 19.25
CA LEU B 25 -16.25 -16.00 17.82
C LEU B 25 -15.17 -14.98 17.52
N SER B 26 -15.24 -13.82 18.19
CA SER B 26 -14.20 -12.78 18.06
C SER B 26 -12.88 -13.21 18.70
N GLU B 27 -12.98 -13.93 19.81
CA GLU B 27 -11.84 -14.55 20.48
C GLU B 27 -11.09 -15.50 19.56
N LEU B 28 -11.83 -16.38 18.87
CA LEU B 28 -11.25 -17.27 17.85
C LEU B 28 -10.56 -16.51 16.72
N ASP B 29 -11.10 -15.35 16.40
CA ASP B 29 -10.59 -14.45 15.36
C ASP B 29 -9.38 -13.60 15.83
N GLY B 30 -8.94 -13.83 17.06
CA GLY B 30 -7.79 -13.13 17.62
C GLY B 30 -6.45 -13.58 17.08
N PRO B 31 -6.05 -14.82 17.40
CA PRO B 31 -4.71 -15.27 17.00
C PRO B 31 -4.51 -15.42 15.49
N ILE B 32 -5.60 -15.61 14.75
CA ILE B 32 -5.56 -15.79 13.30
C ILE B 32 -6.44 -14.75 12.54
N GLY B 33 -6.76 -13.63 13.18
CA GLY B 33 -7.48 -12.55 12.51
C GLY B 33 -7.38 -11.23 13.25
N ASP B 34 -8.37 -10.36 13.03
CA ASP B 34 -8.40 -9.03 13.62
C ASP B 34 -9.39 -8.93 14.80
N GLY B 35 -9.82 -10.09 15.30
CA GLY B 35 -10.65 -10.20 16.50
C GLY B 35 -12.02 -9.58 16.36
N ASP B 36 -12.71 -9.81 15.23
CA ASP B 36 -14.01 -9.18 15.02
C ASP B 36 -15.12 -10.10 14.51
N HIS B 37 -14.82 -11.36 14.19
CA HIS B 37 -15.83 -12.23 13.55
C HIS B 37 -17.17 -12.25 14.32
N GLY B 38 -17.08 -12.35 15.65
CA GLY B 38 -18.28 -12.30 16.51
C GLY B 38 -19.08 -11.03 16.37
N ALA B 39 -18.40 -9.89 16.36
CA ALA B 39 -19.06 -8.59 16.22
C ALA B 39 -19.65 -8.34 14.82
N ASN B 40 -18.94 -8.78 13.76
CA ASN B 40 -19.49 -8.71 12.39
C ASN B 40 -20.80 -9.49 12.26
N ALA B 42 -22.78 -10.66 14.72
CA ALA B 42 -23.81 -10.12 15.64
C ALA B 42 -24.53 -8.92 15.04
N ARG B 43 -23.76 -8.03 14.43
CA ARG B 43 -24.26 -6.87 13.72
C ARG B 43 -25.15 -7.34 12.56
N GLY B 44 -24.58 -8.22 11.72
CA GLY B 44 -25.28 -8.73 10.55
C GLY B 44 -26.59 -9.43 10.86
N SER B 46 -28.56 -9.21 13.83
CA SER B 46 -29.60 -8.38 14.45
C SER B 46 -30.31 -7.54 13.38
N GLU B 47 -29.53 -6.95 12.47
CA GLU B 47 -30.07 -6.24 11.31
C GLU B 47 -30.94 -7.15 10.44
N THR B 48 -30.51 -8.40 10.26
CA THR B 48 -31.30 -9.36 9.48
C THR B 48 -32.65 -9.64 10.16
N LYS B 50 -34.24 -7.70 12.26
CA LYS B 50 -35.01 -6.45 12.12
C LYS B 50 -35.69 -6.39 10.76
N ALA B 51 -34.93 -6.74 9.72
CA ALA B 51 -35.42 -6.76 8.35
C ALA B 51 -36.57 -7.76 8.13
N LEU B 52 -36.52 -8.89 8.82
CA LEU B 52 -37.53 -9.93 8.68
C LEU B 52 -38.82 -9.62 9.45
N GLU B 53 -38.74 -8.71 10.41
CA GLU B 53 -39.93 -8.32 11.20
C GLU B 53 -40.85 -7.41 10.41
N VAL B 54 -40.26 -6.59 9.55
CA VAL B 54 -40.98 -5.56 8.80
C VAL B 54 -41.42 -6.01 7.40
N SER B 55 -41.22 -7.29 7.10
CA SER B 55 -41.61 -7.82 5.79
C SER B 55 -42.60 -8.98 5.93
N ASN B 56 -43.36 -9.22 4.86
CA ASN B 56 -44.36 -10.29 4.80
C ASN B 56 -44.14 -11.18 3.57
N PHE B 57 -43.20 -12.10 3.69
CA PHE B 57 -42.71 -12.89 2.56
C PHE B 57 -43.73 -13.86 1.96
N GLY B 58 -43.67 -13.98 0.63
CA GLY B 58 -44.58 -14.85 -0.11
C GLY B 58 -44.02 -16.23 -0.41
N ASN B 59 -42.72 -16.41 -0.11
CA ASN B 59 -42.01 -17.69 -0.27
C ASN B 59 -40.64 -17.66 0.44
N VAL B 60 -39.99 -18.83 0.49
CA VAL B 60 -38.69 -18.98 1.17
C VAL B 60 -37.57 -18.26 0.42
N SER B 61 -37.63 -18.28 -0.91
CA SER B 61 -36.70 -17.57 -1.79
C SER B 61 -36.58 -16.09 -1.41
N GLU B 62 -37.74 -15.49 -1.17
CA GLU B 62 -37.81 -14.09 -0.78
C GLU B 62 -37.12 -13.84 0.56
N ILE B 63 -37.27 -14.76 1.49
CA ILE B 63 -36.57 -14.65 2.78
C ILE B 63 -35.05 -14.72 2.59
N PHE B 64 -34.60 -15.66 1.77
CA PHE B 64 -33.18 -15.84 1.51
C PHE B 64 -32.55 -14.60 0.86
N LYS B 65 -33.27 -14.00 -0.10
CA LYS B 65 -32.77 -12.80 -0.78
C LYS B 65 -32.63 -11.64 0.20
N LYS B 66 -33.61 -11.47 1.09
CA LYS B 66 -33.53 -10.46 2.13
C LYS B 66 -32.36 -10.69 3.09
N VAL B 67 -32.17 -11.93 3.53
CA VAL B 67 -31.00 -12.29 4.34
C VAL B 67 -29.71 -11.96 3.59
N ALA B 68 -29.61 -12.44 2.35
CA ALA B 68 -28.46 -12.22 1.49
C ALA B 68 -28.05 -10.75 1.44
N THR B 70 -29.03 -8.19 3.36
CA THR B 70 -28.76 -7.58 4.66
C THR B 70 -27.36 -7.93 5.15
N LEU B 71 -26.99 -9.21 5.06
CA LEU B 71 -25.67 -9.65 5.49
C LEU B 71 -24.58 -8.99 4.64
N SER B 73 -24.75 -6.08 3.30
CA SER B 73 -24.66 -4.71 3.74
C SER B 73 -24.13 -4.56 5.17
N LYS B 74 -24.48 -5.51 6.05
CA LYS B 74 -24.30 -5.32 7.50
C LYS B 74 -23.23 -6.19 8.19
N VAL B 75 -22.72 -7.21 7.49
CA VAL B 75 -21.52 -7.91 7.95
C VAL B 75 -20.32 -7.26 7.25
N GLY B 76 -19.39 -6.70 8.02
CA GLY B 76 -18.33 -5.86 7.44
C GLY B 76 -16.90 -6.36 7.28
N GLY B 77 -16.73 -7.69 7.22
CA GLY B 77 -15.44 -8.29 6.91
C GLY B 77 -15.61 -9.25 5.76
N ALA B 78 -14.77 -10.29 5.71
CA ALA B 78 -14.86 -11.31 4.66
C ALA B 78 -16.17 -12.12 4.73
N SER B 79 -16.71 -12.30 5.93
CA SER B 79 -17.87 -13.17 6.16
C SER B 79 -19.17 -12.62 5.54
N GLY B 80 -19.31 -11.30 5.47
CA GLY B 80 -20.43 -10.67 4.78
C GLY B 80 -20.64 -11.07 3.33
N PRO B 81 -19.67 -10.74 2.44
CA PRO B 81 -19.69 -11.21 1.05
C PRO B 81 -19.95 -12.73 0.90
N LEU B 82 -19.36 -13.55 1.77
CA LEU B 82 -19.46 -14.99 1.66
C LEU B 82 -20.84 -15.52 2.07
N TYR B 83 -21.30 -15.17 3.28
CA TYR B 83 -22.66 -15.53 3.70
C TYR B 83 -23.69 -14.92 2.77
N GLY B 84 -23.45 -13.67 2.38
CA GLY B 84 -24.28 -12.95 1.44
C GLY B 84 -24.44 -13.69 0.13
N SER B 85 -23.32 -14.07 -0.49
CA SER B 85 -23.38 -14.83 -1.73
C SER B 85 -24.05 -16.19 -1.52
N ALA B 86 -23.77 -16.82 -0.37
CA ALA B 86 -24.38 -18.10 -0.01
C ALA B 86 -25.90 -18.02 -0.04
N PHE B 87 -26.45 -17.05 0.70
CA PHE B 87 -27.90 -16.89 0.80
C PHE B 87 -28.52 -16.40 -0.51
N LEU B 88 -27.77 -15.62 -1.29
CA LEU B 88 -28.27 -15.17 -2.58
C LEU B 88 -28.43 -16.35 -3.56
N ALA B 89 -27.44 -17.21 -3.64
CA ALA B 89 -27.53 -18.41 -4.46
C ALA B 89 -28.68 -19.32 -3.96
N SER B 91 -31.33 -18.35 -2.40
CA SER B 91 -32.53 -17.66 -2.85
C SER B 91 -32.96 -18.09 -4.23
N LYS B 92 -31.99 -18.18 -5.15
CA LYS B 92 -32.30 -18.55 -6.53
C LYS B 92 -32.72 -20.02 -6.58
N THR B 93 -32.00 -20.87 -5.86
CA THR B 93 -32.30 -22.31 -5.78
C THR B 93 -33.68 -22.55 -5.17
N ALA B 94 -33.99 -21.86 -4.08
CA ALA B 94 -35.28 -21.97 -3.37
C ALA B 94 -36.52 -21.75 -4.26
N ILE B 95 -36.34 -21.19 -5.44
CA ILE B 95 -37.44 -21.00 -6.40
C ILE B 95 -37.86 -22.33 -7.00
N GLU B 96 -36.90 -23.21 -7.23
CA GLU B 96 -37.17 -24.50 -7.85
C GLU B 96 -37.34 -25.60 -6.83
N THR B 97 -36.52 -25.55 -5.77
CA THR B 97 -36.51 -26.61 -4.77
C THR B 97 -36.17 -26.11 -3.37
N LEU B 98 -36.77 -26.75 -2.37
CA LEU B 98 -36.40 -26.51 -0.97
C LEU B 98 -35.78 -27.74 -0.33
N ASP B 99 -35.26 -28.65 -1.16
CA ASP B 99 -34.44 -29.76 -0.70
C ASP B 99 -33.21 -29.14 -0.01
N THR B 100 -32.98 -29.55 1.24
CA THR B 100 -31.90 -28.96 2.06
C THR B 100 -30.50 -29.16 1.46
N SER B 101 -30.22 -30.37 0.98
CA SER B 101 -28.91 -30.64 0.38
C SER B 101 -28.69 -29.81 -0.89
N GLU B 102 -29.75 -29.59 -1.68
CA GLU B 102 -29.64 -28.72 -2.87
C GLU B 102 -29.42 -27.24 -2.50
N LEU B 103 -30.02 -26.79 -1.39
CA LEU B 103 -29.76 -25.43 -0.87
C LEU B 103 -28.31 -25.25 -0.39
N ILE B 104 -27.84 -26.22 0.38
CA ILE B 104 -26.48 -26.19 0.91
C ILE B 104 -25.44 -26.28 -0.24
N TYR B 105 -25.75 -27.10 -1.25
CA TYR B 105 -24.95 -27.20 -2.47
C TYR B 105 -24.78 -25.84 -3.13
N ALA B 106 -25.90 -25.18 -3.44
CA ALA B 106 -25.87 -23.85 -4.02
C ALA B 106 -25.12 -22.85 -3.15
N GLY B 107 -25.30 -22.94 -1.84
CA GLY B 107 -24.59 -22.06 -0.90
C GLY B 107 -23.08 -22.29 -0.94
N LEU B 108 -22.67 -23.55 -0.81
CA LEU B 108 -21.26 -23.96 -0.85
C LEU B 108 -20.58 -23.49 -2.13
N GLU B 109 -21.28 -23.67 -3.26
CA GLU B 109 -20.81 -23.26 -4.58
C GLU B 109 -20.55 -21.76 -4.72
N ALA B 110 -21.50 -20.95 -4.28
CA ALA B 110 -21.35 -19.50 -4.22
C ALA B 110 -20.22 -19.07 -3.27
N ILE B 111 -20.06 -19.72 -2.11
CA ILE B 111 -18.94 -19.36 -1.21
C ILE B 111 -17.59 -19.64 -1.89
N GLN B 112 -17.46 -20.82 -2.49
CA GLN B 112 -16.22 -21.21 -3.19
C GLN B 112 -15.91 -20.27 -4.35
N LYS B 113 -16.94 -19.85 -5.07
CA LYS B 113 -16.77 -18.92 -6.19
C LYS B 113 -16.35 -17.53 -5.71
N ARG B 114 -16.83 -17.15 -4.53
CA ARG B 114 -16.64 -15.79 -4.02
C ARG B 114 -15.25 -15.62 -3.39
N GLY B 115 -14.85 -16.60 -2.58
CA GLY B 115 -13.58 -16.56 -1.86
C GLY B 115 -12.50 -17.44 -2.47
N LYS B 116 -12.86 -18.25 -3.47
CA LYS B 116 -11.89 -19.08 -4.22
C LYS B 116 -11.25 -20.21 -3.40
N ALA B 117 -11.82 -20.55 -2.25
CA ALA B 117 -11.23 -21.55 -1.38
C ALA B 117 -11.64 -22.98 -1.72
N GLN B 118 -10.73 -23.92 -1.51
CA GLN B 118 -11.05 -25.33 -1.66
C GLN B 118 -11.09 -25.90 -0.26
N VAL B 119 -11.72 -27.06 -0.14
CA VAL B 119 -11.75 -27.81 1.11
C VAL B 119 -10.31 -28.05 1.54
N GLY B 120 -10.05 -27.84 2.83
CA GLY B 120 -8.72 -28.07 3.40
C GLY B 120 -7.91 -26.82 3.63
N GLU B 121 -8.52 -25.64 3.41
CA GLU B 121 -7.80 -24.36 3.44
C GLU B 121 -8.09 -23.56 4.71
N LYS B 122 -8.77 -24.20 5.66
CA LYS B 122 -9.11 -23.63 6.96
C LYS B 122 -10.11 -22.49 6.87
N THR B 123 -11.21 -22.74 6.18
CA THR B 123 -12.26 -21.74 6.08
C THR B 123 -13.59 -22.44 6.32
N VAL B 125 -15.75 -22.97 4.12
CA VAL B 125 -15.87 -23.96 3.04
C VAL B 125 -15.74 -25.39 3.56
N ASP B 126 -14.78 -25.62 4.46
CA ASP B 126 -14.56 -26.95 5.03
C ASP B 126 -15.79 -27.56 5.68
N ILE B 127 -16.59 -26.73 6.35
CA ILE B 127 -17.78 -27.28 7.03
C ILE B 127 -19.03 -27.31 6.13
N TRP B 128 -19.12 -26.39 5.18
CA TRP B 128 -20.20 -26.39 4.19
C TRP B 128 -20.13 -27.62 3.31
N SER B 129 -18.89 -28.04 3.01
CA SER B 129 -18.67 -29.24 2.22
C SER B 129 -18.98 -30.49 3.02
N ALA B 130 -18.50 -30.53 4.27
CA ALA B 130 -18.75 -31.66 5.16
C ALA B 130 -20.24 -31.79 5.50
N PHE B 131 -20.90 -30.67 5.78
CA PHE B 131 -22.34 -30.68 6.08
C PHE B 131 -23.16 -31.18 4.89
N LEU B 132 -22.83 -30.70 3.69
CA LEU B 132 -23.45 -31.19 2.46
C LEU B 132 -23.33 -32.71 2.29
N ASN B 133 -22.11 -33.25 2.42
CA ASN B 133 -21.91 -34.70 2.26
C ASN B 133 -22.69 -35.47 3.33
N ASP B 134 -22.75 -34.90 4.53
CA ASP B 134 -23.54 -35.46 5.64
C ASP B 134 -25.03 -35.56 5.31
N LEU B 135 -25.60 -34.47 4.80
CA LEU B 135 -27.02 -34.47 4.37
C LEU B 135 -27.30 -35.51 3.26
N GLN B 136 -26.41 -35.54 2.26
CA GLN B 136 -26.49 -36.45 1.13
C GLN B 136 -26.42 -37.91 1.55
N THR B 137 -25.56 -38.21 2.53
CA THR B 137 -25.41 -39.56 3.07
C THR B 137 -26.34 -39.80 4.25
N ASP B 138 -27.31 -38.90 4.42
CA ASP B 138 -28.28 -38.95 5.52
C ASP B 138 -27.64 -39.23 6.89
N SER B 139 -26.53 -38.53 7.17
CA SER B 139 -25.80 -38.68 8.43
C SER B 139 -25.45 -37.36 9.12
N ALA B 140 -26.20 -36.29 8.84
CA ALA B 140 -25.96 -34.99 9.47
C ALA B 140 -26.32 -34.97 10.95
N SER B 141 -25.43 -34.41 11.77
CA SER B 141 -25.62 -34.36 13.21
C SER B 141 -24.79 -33.24 13.80
N LYS B 142 -25.19 -32.75 14.98
CA LYS B 142 -24.41 -31.78 15.74
C LYS B 142 -22.98 -32.24 15.98
N ASP B 143 -22.82 -33.48 16.47
CA ASP B 143 -21.50 -34.04 16.72
C ASP B 143 -20.59 -34.03 15.49
N ASN B 144 -21.18 -34.26 14.32
CA ASN B 144 -20.42 -34.24 13.07
C ASN B 144 -20.02 -32.81 12.65
N LEU B 145 -20.68 -31.82 13.22
CA LEU B 145 -20.39 -30.42 12.94
C LEU B 145 -19.28 -29.91 13.85
N GLU B 146 -19.32 -30.30 15.13
CA GLU B 146 -18.24 -30.02 16.06
C GLU B 146 -16.96 -30.71 15.65
N LYS B 147 -17.09 -31.92 15.09
CA LYS B 147 -15.96 -32.65 14.51
C LYS B 147 -15.13 -31.75 13.59
N VAL B 148 -15.78 -31.14 12.62
CA VAL B 148 -15.16 -30.27 11.62
C VAL B 148 -14.67 -28.93 12.21
N VAL B 149 -15.38 -28.39 13.19
CA VAL B 149 -14.91 -27.18 13.87
C VAL B 149 -13.58 -27.47 14.56
N LYS B 150 -13.57 -28.51 15.39
CA LYS B 150 -12.36 -28.93 16.06
C LYS B 150 -11.26 -29.26 15.07
N ALA B 151 -11.63 -29.89 13.95
CA ALA B 151 -10.66 -30.30 12.91
C ALA B 151 -10.01 -29.12 12.17
N SER B 152 -10.66 -27.95 12.19
CA SER B 152 -10.10 -26.74 11.57
C SER B 152 -8.83 -26.25 12.25
N ALA B 153 -8.65 -26.58 13.53
CA ALA B 153 -7.47 -26.12 14.30
C ALA B 153 -6.15 -26.56 13.68
N GLY B 154 -6.14 -27.77 13.10
CA GLY B 154 -4.91 -28.35 12.58
C GLY B 154 -4.65 -28.07 11.10
N LEU B 155 -5.62 -27.42 10.46
CA LEU B 155 -5.45 -27.01 9.07
C LEU B 155 -4.58 -25.76 8.95
N LEU B 156 -3.72 -25.75 7.94
CA LEU B 156 -2.99 -24.54 7.59
C LEU B 156 -3.89 -23.59 6.80
N ALA B 157 -4.04 -22.35 7.30
CA ALA B 157 -4.80 -21.31 6.59
C ALA B 157 -4.05 -20.82 5.38
N THR B 158 -4.67 -20.99 4.23
CA THR B 158 -4.10 -20.51 2.98
C THR B 158 -5.05 -19.48 2.34
N LYS B 159 -6.08 -19.07 3.09
CA LYS B 159 -7.03 -18.05 2.64
C LYS B 159 -7.38 -17.09 3.79
N GLY B 160 -7.74 -15.87 3.44
CA GLY B 160 -8.23 -14.87 4.44
C GLY B 160 -7.13 -14.29 5.31
N ARG B 161 -7.54 -13.51 6.31
CA ARG B 161 -6.61 -12.94 7.28
C ARG B 161 -5.75 -13.98 7.97
N ALA B 162 -6.32 -15.16 8.22
CA ALA B 162 -5.59 -16.26 8.88
C ALA B 162 -4.35 -16.68 8.11
N SER B 163 -4.39 -16.51 6.80
CA SER B 163 -3.30 -17.00 5.93
C SER B 163 -2.00 -16.21 6.09
N TYR B 164 -2.10 -15.00 6.62
CA TYR B 164 -0.90 -14.15 6.85
C TYR B 164 -0.01 -14.68 7.96
N LEU B 165 -0.56 -15.59 8.77
CA LEU B 165 0.19 -16.18 9.86
C LEU B 165 0.90 -17.48 9.49
N GLY B 166 0.72 -17.95 8.26
CA GLY B 166 1.40 -19.17 7.80
C GLY B 166 1.15 -20.31 8.77
N GLU B 167 2.22 -20.97 9.19
CA GLU B 167 2.12 -22.11 10.11
C GLU B 167 1.65 -21.70 11.50
N ARG B 168 1.76 -20.41 11.82
CA ARG B 168 1.30 -19.87 13.09
C ARG B 168 -0.23 -19.89 13.22
N SER B 169 -0.91 -20.30 12.14
CA SER B 169 -2.36 -20.48 12.14
C SER B 169 -2.74 -21.91 12.57
N ILE B 170 -1.75 -22.78 12.72
CA ILE B 170 -2.03 -24.13 13.16
C ILE B 170 -2.16 -24.13 14.67
N GLY B 171 -3.17 -24.83 15.19
CA GLY B 171 -3.44 -24.83 16.62
C GLY B 171 -4.57 -23.87 16.94
N HIS B 172 -5.20 -23.35 15.90
CA HIS B 172 -6.26 -22.35 16.08
C HIS B 172 -7.52 -22.65 15.26
N ILE B 173 -8.65 -22.78 15.95
CA ILE B 173 -9.94 -23.03 15.30
C ILE B 173 -10.40 -21.83 14.47
N ASP B 174 -10.79 -22.11 13.22
CA ASP B 174 -11.30 -21.08 12.32
C ASP B 174 -12.64 -20.51 12.76
N PRO B 175 -12.72 -19.18 13.00
CA PRO B 175 -13.96 -18.54 13.43
C PRO B 175 -15.13 -18.64 12.44
N GLY B 176 -14.85 -18.61 11.14
CA GLY B 176 -15.89 -18.76 10.12
C GLY B 176 -16.48 -20.16 10.13
N THR B 177 -15.63 -21.15 10.38
CA THR B 177 -16.04 -22.53 10.49
C THR B 177 -16.94 -22.72 11.71
N GLN B 178 -16.63 -22.02 12.81
CA GLN B 178 -17.50 -22.05 13.99
C GLN B 178 -18.85 -21.40 13.75
N SER B 179 -18.88 -20.21 13.15
CA SER B 179 -20.18 -19.56 12.90
C SER B 179 -21.09 -20.33 11.92
N SER B 180 -20.49 -21.05 10.97
CA SER B 180 -21.23 -21.90 10.02
C SER B 180 -21.78 -23.17 10.71
N ALA B 181 -21.04 -23.69 11.69
CA ALA B 181 -21.53 -24.73 12.57
C ALA B 181 -22.80 -24.36 13.33
N TYR B 182 -22.85 -23.16 13.89
CA TYR B 182 -24.09 -22.67 14.54
C TYR B 182 -25.22 -22.60 13.51
N LEU B 183 -24.88 -22.11 12.31
CA LEU B 183 -25.86 -22.01 11.23
C LEU B 183 -26.52 -23.36 10.96
N PHE B 184 -25.69 -24.40 10.83
CA PHE B 184 -26.14 -25.72 10.47
C PHE B 184 -26.83 -26.50 11.61
N GLU B 185 -26.37 -26.29 12.85
CA GLU B 185 -26.98 -26.99 13.98
C GLU B 185 -28.37 -26.46 14.30
N THR B 186 -28.54 -25.14 14.17
CA THR B 186 -29.85 -24.52 14.28
C THR B 186 -30.75 -24.93 13.11
N LEU B 187 -30.17 -25.13 11.92
CA LEU B 187 -30.97 -25.63 10.81
C LEU B 187 -31.50 -27.04 11.08
N LEU B 188 -30.62 -27.93 11.54
CA LEU B 188 -31.03 -29.30 11.90
C LEU B 188 -32.07 -29.35 13.03
N GLU B 189 -32.03 -28.35 13.90
CA GLU B 189 -33.02 -28.23 14.99
C GLU B 189 -34.44 -28.08 14.44
N VAL B 190 -34.56 -27.28 13.39
CA VAL B 190 -35.87 -26.85 12.91
C VAL B 190 -36.34 -27.54 11.63
N VAL B 191 -35.42 -28.13 10.87
CA VAL B 191 -35.81 -28.74 9.60
C VAL B 191 -36.45 -30.12 9.73
N ALA B 192 -35.88 -30.96 10.61
CA ALA B 192 -36.31 -32.35 10.81
C ALA B 192 -36.14 -33.20 9.55
N TYR C 1 12.73 -6.79 18.61
CA TYR C 1 12.19 -6.39 17.26
C TYR C 1 11.03 -5.41 17.31
N GLY C 2 10.99 -4.51 16.34
CA GLY C 2 9.89 -3.60 16.12
C GLY C 2 9.62 -3.38 14.66
N ILE C 3 8.53 -2.68 14.37
CA ILE C 3 8.12 -2.36 12.99
C ILE C 3 8.08 -0.84 12.77
N VAL C 4 8.71 -0.37 11.69
CA VAL C 4 8.65 1.06 11.33
C VAL C 4 8.04 1.26 9.93
N ILE C 5 7.04 2.14 9.87
CA ILE C 5 6.37 2.52 8.62
C ILE C 5 6.77 3.94 8.21
N VAL C 6 7.25 4.06 6.97
CA VAL C 6 7.61 5.36 6.42
C VAL C 6 6.78 5.61 5.15
N SER C 7 6.00 6.68 5.15
CA SER C 7 5.17 7.02 4.01
C SER C 7 5.30 8.48 3.63
N HIS C 8 5.10 8.77 2.36
CA HIS C 8 4.94 10.14 1.91
C HIS C 8 3.74 10.85 2.55
N SER C 9 2.80 10.06 3.11
CA SER C 9 1.53 10.63 3.59
C SER C 9 1.33 10.37 5.09
N PRO C 10 1.08 11.45 5.86
CA PRO C 10 0.75 11.27 7.28
C PRO C 10 -0.51 10.44 7.48
N GLU C 11 -1.51 10.65 6.63
CA GLU C 11 -2.75 9.88 6.69
C GLU C 11 -2.54 8.39 6.42
N ILE C 12 -1.76 8.05 5.39
CA ILE C 12 -1.46 6.63 5.15
C ILE C 12 -0.74 6.07 6.39
N ALA C 13 0.24 6.80 6.92
CA ALA C 13 0.99 6.29 8.06
C ALA C 13 0.08 6.01 9.24
N SER C 14 -0.82 6.95 9.52
CA SER C 14 -1.78 6.85 10.61
C SER C 14 -2.80 5.73 10.37
N GLY C 15 -3.41 5.70 9.19
CA GLY C 15 -4.38 4.64 8.91
C GLY C 15 -3.78 3.24 8.90
N LEU C 16 -2.55 3.11 8.38
CA LEU C 16 -1.88 1.79 8.34
C LEU C 16 -1.57 1.29 9.75
N LYS C 17 -1.13 2.19 10.62
CA LYS C 17 -0.86 1.84 12.02
C LYS C 17 -2.13 1.27 12.66
N LYS C 18 -3.26 1.93 12.44
CA LYS C 18 -4.53 1.47 13.00
C LYS C 18 -4.99 0.13 12.43
N LEU C 19 -4.90 -0.02 11.11
CA LEU C 19 -5.14 -1.31 10.48
C LEU C 19 -4.32 -2.39 11.19
N ILE C 20 -3.02 -2.15 11.30
CA ILE C 20 -2.10 -3.09 11.91
C ILE C 20 -2.38 -3.36 13.39
N ARG C 21 -2.80 -2.33 14.14
CA ARG C 21 -3.05 -2.49 15.58
C ARG C 21 -4.14 -3.52 15.88
N GLU C 22 -5.08 -3.68 14.96
CA GLU C 22 -6.13 -4.71 15.04
C GLU C 22 -5.61 -6.14 15.07
N VAL C 23 -4.45 -6.38 14.46
CA VAL C 23 -3.85 -7.73 14.43
C VAL C 23 -2.55 -7.84 15.25
N ALA C 24 -2.04 -6.68 15.67
CA ALA C 24 -0.78 -6.63 16.38
C ALA C 24 -0.82 -5.56 17.46
N LYS C 25 -1.54 -5.85 18.55
CA LYS C 25 -1.75 -4.90 19.65
C LYS C 25 -0.51 -4.57 20.48
N ASN C 26 0.41 -5.53 20.56
CA ASN C 26 1.47 -5.50 21.56
C ASN C 26 2.88 -5.27 21.02
N ILE C 27 3.01 -5.31 19.69
CA ILE C 27 4.31 -5.11 19.06
C ILE C 27 4.80 -3.67 19.19
N SER C 28 6.11 -3.51 19.10
CA SER C 28 6.72 -2.18 19.06
C SER C 28 6.52 -1.61 17.66
N LEU C 29 5.74 -0.55 17.54
CA LEU C 29 5.32 -0.07 16.23
C LEU C 29 5.38 1.45 16.08
N THR C 30 6.14 1.93 15.09
CA THR C 30 6.17 3.37 14.77
C THR C 30 5.82 3.64 13.31
N ALA C 31 5.03 4.67 13.08
CA ALA C 31 4.69 5.09 11.72
C ALA C 31 4.95 6.57 11.59
N ILE C 32 5.57 6.95 10.47
CA ILE C 32 5.79 8.36 10.12
C ILE C 32 5.41 8.65 8.67
N GLY C 33 4.72 9.75 8.46
CA GLY C 33 4.31 10.14 7.14
C GLY C 33 4.42 11.62 6.94
N GLY C 34 4.87 12.01 5.74
CA GLY C 34 4.85 13.40 5.31
C GLY C 34 5.98 14.23 5.88
N LEU C 35 6.00 15.50 5.49
CA LEU C 35 6.96 16.45 6.01
C LEU C 35 6.41 17.20 7.23
N GLU C 36 7.27 17.99 7.86
CA GLU C 36 6.90 18.76 9.06
C GLU C 36 5.73 19.72 8.88
N ASN C 37 5.46 20.12 7.63
CA ASN C 37 4.32 21.02 7.34
C ASN C 37 3.02 20.34 6.93
N GLY C 38 2.95 19.03 7.08
CA GLY C 38 1.78 18.29 6.65
C GLY C 38 1.73 17.97 5.17
N GLU C 39 2.64 18.57 4.39
CA GLU C 39 2.74 18.26 2.95
C GLU C 39 3.32 16.86 2.67
N ILE C 40 2.93 16.33 1.52
CA ILE C 40 3.40 15.05 1.01
C ILE C 40 4.92 15.04 0.86
N GLY C 41 5.58 14.06 1.46
CA GLY C 41 7.02 13.87 1.33
C GLY C 41 7.63 13.07 2.46
N THR C 42 8.95 12.91 2.45
CA THR C 42 9.66 12.28 3.56
C THR C 42 10.96 13.03 3.82
N SER C 43 11.46 12.97 5.06
CA SER C 43 12.76 13.58 5.37
C SER C 43 13.63 12.69 6.24
N PHE C 44 14.94 12.92 6.17
CA PHE C 44 15.91 12.25 7.01
C PHE C 44 15.52 12.38 8.49
N ASP C 45 15.25 13.62 8.90
CA ASP C 45 14.99 13.98 10.29
C ASP C 45 13.83 13.19 10.89
N ARG C 46 12.74 13.10 10.14
CA ARG C 46 11.54 12.40 10.60
C ARG C 46 11.72 10.88 10.58
N VAL C 47 12.35 10.36 9.54
CA VAL C 47 12.71 8.93 9.52
C VAL C 47 13.61 8.57 10.71
N ASN C 49 13.88 10.19 13.55
CA ASN C 49 12.96 10.29 14.69
C ASN C 49 12.18 9.01 14.97
N ALA C 50 11.47 8.51 13.96
CA ALA C 50 10.68 7.27 14.08
C ALA C 50 11.53 6.06 14.51
N ILE C 51 12.73 5.98 13.95
CA ILE C 51 13.70 4.95 14.32
C ILE C 51 14.06 5.04 15.81
N GLU C 52 14.37 6.24 16.29
CA GLU C 52 14.76 6.41 17.69
C GLU C 52 13.58 6.38 18.66
N GLU C 53 12.38 6.72 18.17
CA GLU C 53 11.17 6.63 18.97
C GLU C 53 10.77 5.17 19.26
N ASN C 54 10.97 4.28 18.28
CA ASN C 54 10.72 2.85 18.45
C ASN C 54 11.54 2.26 19.60
N GLU C 55 10.89 1.51 20.49
CA GLU C 55 11.52 0.93 21.68
C GLU C 55 12.57 -0.15 21.33
N ALA C 56 12.37 -0.80 20.19
CA ALA C 56 13.21 -1.92 19.79
C ALA C 56 14.55 -1.48 19.18
N ASP C 57 15.50 -2.42 19.18
CA ASP C 57 16.87 -2.21 18.70
C ASP C 57 17.08 -2.84 17.32
N ASN C 58 16.18 -3.74 16.94
CA ASN C 58 16.22 -4.41 15.64
C ASN C 58 14.93 -4.09 14.89
N LEU C 59 15.03 -3.30 13.82
CA LEU C 59 13.84 -2.72 13.18
C LEU C 59 13.60 -3.24 11.78
N LEU C 60 12.39 -3.78 11.57
CA LEU C 60 11.88 -4.16 10.26
C LEU C 60 11.20 -2.94 9.69
N THR C 61 11.71 -2.43 8.57
CA THR C 61 11.26 -1.14 8.02
C THR C 61 10.59 -1.23 6.65
N PHE C 62 9.55 -0.41 6.48
CA PHE C 62 8.70 -0.41 5.27
C PHE C 62 8.45 1.00 4.75
N PHE C 63 8.38 1.14 3.42
CA PHE C 63 8.26 2.45 2.77
C PHE C 63 7.33 2.39 1.57
N ASP C 64 6.84 3.54 1.10
CA ASP C 64 6.03 3.50 -0.14
C ASP C 64 6.86 3.63 -1.40
N LEU C 65 7.48 4.80 -1.59
CA LEU C 65 8.25 5.15 -2.80
C LEU C 65 9.76 5.21 -2.54
N GLY C 66 10.54 5.12 -3.62
CA GLY C 66 12.01 5.09 -3.60
C GLY C 66 12.75 6.14 -2.78
N SER C 67 12.25 7.36 -2.77
CA SER C 67 12.89 8.43 -1.98
C SER C 67 12.71 8.23 -0.45
N ALA C 68 11.60 7.60 -0.04
CA ALA C 68 11.43 7.14 1.33
C ALA C 68 12.46 6.06 1.71
N ARG C 69 12.70 5.13 0.78
CA ARG C 69 13.73 4.12 0.96
C ARG C 69 15.12 4.73 1.16
N ASN C 71 15.86 7.63 2.39
CA ASN C 71 15.92 8.16 3.74
C ASN C 71 16.10 7.07 4.79
N LEU C 72 15.44 5.92 4.60
CA LEU C 72 15.69 4.77 5.46
C LEU C 72 17.14 4.30 5.38
N ASP C 73 17.68 4.22 4.16
CA ASP C 73 19.07 3.81 3.93
C ASP C 73 20.03 4.72 4.69
N LEU C 74 19.86 6.03 4.50
CA LEU C 74 20.65 7.04 5.19
C LEU C 74 20.62 6.81 6.70
N VAL C 75 19.43 6.65 7.26
CA VAL C 75 19.28 6.47 8.71
C VAL C 75 19.99 5.19 9.17
N SER C 76 19.81 4.12 8.40
CA SER C 76 20.46 2.85 8.69
C SER C 76 21.97 2.97 8.83
N GLU C 77 22.56 3.86 8.03
CA GLU C 77 24.01 4.10 8.05
C GLU C 77 24.48 4.95 9.23
N THR C 79 22.72 4.93 12.47
CA THR C 79 22.21 4.45 13.73
C THR C 79 22.89 3.14 14.14
N ASP C 80 22.98 2.92 15.45
CA ASP C 80 23.47 1.65 15.97
C ASP C 80 22.36 0.60 16.04
N LYS C 81 21.11 1.03 15.88
CA LYS C 81 20.01 0.08 15.74
C LYS C 81 20.19 -0.69 14.43
N GLU C 82 19.75 -1.95 14.41
CA GLU C 82 19.84 -2.75 13.20
C GLU C 82 18.55 -2.70 12.37
N LEU C 83 18.64 -2.03 11.23
CA LEU C 83 17.51 -1.87 10.33
C LEU C 83 17.55 -2.87 9.21
N THR C 84 16.40 -3.47 8.94
CA THR C 84 16.20 -4.18 7.69
C THR C 84 15.14 -3.42 6.93
N ILE C 85 15.48 -3.10 5.69
CA ILE C 85 14.57 -2.36 4.82
C ILE C 85 14.07 -3.32 3.76
N PHE C 86 12.75 -3.51 3.74
CA PHE C 86 12.13 -4.52 2.90
C PHE C 86 11.54 -3.90 1.63
N ASN C 87 11.98 -4.40 0.46
CA ASN C 87 11.49 -3.90 -0.81
C ASN C 87 10.19 -4.57 -1.22
N VAL C 88 9.17 -4.34 -0.40
CA VAL C 88 7.88 -5.00 -0.50
C VAL C 88 6.78 -3.93 -0.44
N PRO C 89 5.54 -4.28 -0.82
CA PRO C 89 4.41 -3.36 -0.66
C PRO C 89 4.28 -2.82 0.76
N LEU C 90 4.07 -1.53 0.88
CA LEU C 90 3.96 -0.90 2.20
C LEU C 90 2.82 -1.50 3.06
N ILE C 91 1.60 -1.46 2.56
CA ILE C 91 0.48 -1.96 3.38
C ILE C 91 0.58 -3.45 3.61
N GLU C 92 0.69 -4.21 2.51
CA GLU C 92 0.66 -5.66 2.58
C GLU C 92 1.90 -6.23 3.26
N GLY C 93 3.07 -5.64 2.98
CA GLY C 93 4.33 -6.06 3.64
C GLY C 93 4.34 -5.75 5.13
N ALA C 94 4.07 -4.50 5.49
CA ALA C 94 4.08 -4.13 6.91
C ALA C 94 3.05 -4.96 7.67
N TYR C 95 1.89 -5.18 7.05
CA TYR C 95 0.80 -5.95 7.67
C TYR C 95 1.24 -7.39 7.89
N THR C 96 1.85 -7.99 6.86
CA THR C 96 2.36 -9.35 7.00
C THR C 96 3.36 -9.46 8.14
N ALA C 97 4.32 -8.54 8.17
CA ALA C 97 5.40 -8.58 9.16
C ALA C 97 4.88 -8.36 10.58
N SER C 98 3.91 -7.46 10.73
CA SER C 98 3.39 -7.15 12.07
C SER C 98 2.57 -8.32 12.65
N ALA C 99 1.69 -8.89 11.83
CA ALA C 99 0.82 -10.01 12.27
C ALA C 99 1.67 -11.19 12.67
N LEU C 100 2.66 -11.51 11.84
CA LEU C 100 3.61 -12.56 12.17
C LEU C 100 4.37 -12.24 13.46
N LEU C 101 4.79 -10.99 13.63
CA LEU C 101 5.60 -10.64 14.79
C LEU C 101 4.76 -10.80 16.06
N GLU C 102 3.55 -10.24 16.04
CA GLU C 102 2.57 -10.45 17.12
C GLU C 102 2.38 -11.91 17.52
N ALA C 103 2.27 -12.78 16.51
CA ALA C 103 1.99 -14.21 16.71
C ALA C 103 3.20 -15.04 17.13
N GLY C 104 4.37 -14.41 17.19
CA GLY C 104 5.55 -15.06 17.68
C GLY C 104 6.49 -15.61 16.63
N ALA C 105 6.28 -15.24 15.36
CA ALA C 105 7.18 -15.70 14.30
C ALA C 105 8.62 -15.24 14.58
N THR C 106 9.60 -16.08 14.25
CA THR C 106 11.01 -15.66 14.30
C THR C 106 11.29 -14.63 13.21
N PHE C 107 12.37 -13.88 13.39
CA PHE C 107 12.87 -12.94 12.39
C PHE C 107 13.07 -13.61 11.05
N GLU C 108 13.68 -14.80 11.10
CA GLU C 108 14.00 -15.58 9.92
C GLU C 108 12.76 -15.99 9.15
N ALA C 109 11.72 -16.43 9.86
CA ALA C 109 10.45 -16.82 9.23
C ALA C 109 9.72 -15.62 8.61
N ILE C 110 9.74 -14.47 9.30
CA ILE C 110 9.22 -13.20 8.77
C ILE C 110 9.92 -12.82 7.47
N LYS C 111 11.25 -12.79 7.49
CA LYS C 111 12.06 -12.49 6.29
C LYS C 111 11.75 -13.49 5.18
N GLU C 112 11.68 -14.78 5.52
CA GLU C 112 11.23 -15.81 4.57
C GLU C 112 9.91 -15.45 3.89
N GLN C 113 8.95 -14.99 4.68
CA GLN C 113 7.67 -14.56 4.13
C GLN C 113 7.76 -13.32 3.26
N LEU C 114 8.51 -12.31 3.71
CA LEU C 114 8.69 -11.08 2.94
C LEU C 114 9.47 -11.26 1.64
N GLU C 115 10.41 -12.21 1.62
CA GLU C 115 11.19 -12.51 0.40
C GLU C 115 10.22 -12.86 -0.73
N LYS C 116 9.10 -13.46 -0.36
CA LYS C 116 8.07 -13.91 -1.28
C LYS C 116 7.27 -12.80 -1.92
N LEU C 118 8.65 -9.65 -3.01
CA LEU C 118 9.59 -8.64 -3.48
C LEU C 118 9.13 -7.98 -4.78
N ILE C 119 9.07 -6.65 -4.73
CA ILE C 119 8.64 -5.84 -5.86
C ILE C 119 9.69 -4.79 -6.21
N GLU C 120 9.72 -4.40 -7.49
CA GLU C 120 10.70 -3.46 -8.03
C GLU C 120 10.35 -1.99 -7.74
N LYS C 121 10.73 -1.55 -6.53
CA LYS C 121 10.31 -0.27 -5.98
C LYS C 121 10.96 0.93 -6.70
N TYR D 1 -12.20 6.14 -18.66
CA TYR D 1 -11.58 5.37 -17.55
C TYR D 1 -11.57 6.12 -16.23
N GLY D 2 -11.56 5.37 -15.13
CA GLY D 2 -11.58 5.88 -13.77
C GLY D 2 -10.80 4.96 -12.84
N ILE D 3 -10.40 5.49 -11.69
CA ILE D 3 -9.64 4.72 -10.68
C ILE D 3 -10.47 4.69 -9.40
N VAL D 4 -10.65 3.49 -8.84
CA VAL D 4 -11.33 3.36 -7.56
C VAL D 4 -10.40 2.68 -6.57
N ILE D 5 -10.24 3.30 -5.41
CA ILE D 5 -9.44 2.72 -4.33
C ILE D 5 -10.36 2.31 -3.21
N VAL D 6 -10.19 1.07 -2.74
CA VAL D 6 -10.96 0.57 -1.60
C VAL D 6 -10.04 0.12 -0.48
N SER D 7 -10.21 0.69 0.71
CA SER D 7 -9.36 0.34 1.84
C SER D 7 -10.19 0.00 3.06
N HIS D 8 -9.58 -0.72 4.00
CA HIS D 8 -10.16 -0.89 5.35
C HIS D 8 -10.05 0.37 6.19
N SER D 9 -9.24 1.34 5.72
CA SER D 9 -8.99 2.55 6.51
C SER D 9 -9.37 3.82 5.78
N PRO D 10 -10.19 4.68 6.44
CA PRO D 10 -10.49 6.00 5.88
C PRO D 10 -9.24 6.87 5.65
N GLU D 11 -8.26 6.77 6.53
CA GLU D 11 -7.05 7.59 6.41
C GLU D 11 -6.12 7.12 5.28
N ILE D 12 -5.94 5.80 5.14
CA ILE D 12 -5.23 5.29 3.96
C ILE D 12 -5.86 5.81 2.68
N ALA D 13 -7.18 5.65 2.56
CA ALA D 13 -7.91 6.08 1.36
C ALA D 13 -7.65 7.54 1.02
N SER D 14 -7.78 8.40 2.05
CA SER D 14 -7.58 9.83 1.94
C SER D 14 -6.13 10.20 1.67
N GLY D 15 -5.19 9.55 2.37
CA GLY D 15 -3.78 9.78 2.14
C GLY D 15 -3.36 9.38 0.74
N LEU D 16 -3.90 8.26 0.27
CA LEU D 16 -3.51 7.73 -1.03
C LEU D 16 -4.03 8.61 -2.17
N LYS D 17 -5.29 9.02 -2.08
CA LYS D 17 -5.83 9.99 -3.03
C LYS D 17 -4.99 11.28 -3.11
N LYS D 18 -4.53 11.80 -1.97
CA LYS D 18 -3.70 13.00 -1.98
C LYS D 18 -2.35 12.75 -2.65
N LEU D 19 -1.71 11.64 -2.32
CA LEU D 19 -0.44 11.28 -2.92
C LEU D 19 -0.63 11.23 -4.44
N ILE D 20 -1.66 10.50 -4.85
CA ILE D 20 -1.98 10.35 -6.27
C ILE D 20 -2.37 11.66 -6.96
N ARG D 21 -3.10 12.53 -6.26
CA ARG D 21 -3.50 13.80 -6.90
C ARG D 21 -2.30 14.63 -7.33
N GLU D 22 -1.16 14.47 -6.63
CA GLU D 22 0.12 15.11 -7.04
C GLU D 22 0.61 14.71 -8.44
N VAL D 23 0.23 13.52 -8.91
CA VAL D 23 0.71 13.01 -10.21
C VAL D 23 -0.44 12.76 -11.19
N ALA D 24 -1.66 13.02 -10.74
CA ALA D 24 -2.84 12.74 -11.55
C ALA D 24 -3.97 13.69 -11.17
N LYS D 25 -3.81 14.96 -11.52
CA LYS D 25 -4.78 15.97 -11.11
C LYS D 25 -6.12 15.86 -11.83
N ASN D 26 -6.12 15.26 -13.02
CA ASN D 26 -7.28 15.31 -13.92
C ASN D 26 -8.12 14.04 -14.06
N ILE D 27 -7.62 12.91 -13.56
CA ILE D 27 -8.31 11.65 -13.72
C ILE D 27 -9.55 11.55 -12.84
N SER D 28 -10.51 10.71 -13.24
CA SER D 28 -11.63 10.34 -12.37
C SER D 28 -11.12 9.41 -11.27
N LEU D 29 -11.16 9.87 -10.04
CA LEU D 29 -10.51 9.15 -8.94
C LEU D 29 -11.39 9.12 -7.71
N THR D 30 -11.79 7.91 -7.30
CA THR D 30 -12.57 7.72 -6.10
C THR D 30 -11.79 6.86 -5.11
N ALA D 31 -11.80 7.29 -3.85
CA ALA D 31 -11.03 6.63 -2.80
C ALA D 31 -11.90 6.51 -1.56
N ILE D 32 -12.19 5.27 -1.16
CA ILE D 32 -13.03 5.02 0.02
C ILE D 32 -12.37 4.06 1.01
N GLY D 33 -12.51 4.36 2.29
CA GLY D 33 -12.03 3.49 3.35
C GLY D 33 -12.90 3.46 4.59
N GLY D 34 -12.97 2.30 5.22
CA GLY D 34 -13.55 2.17 6.55
C GLY D 34 -15.05 2.05 6.52
N LEU D 35 -15.64 1.99 7.71
CA LEU D 35 -17.08 1.86 7.83
C LEU D 35 -17.75 3.23 7.88
N GLU D 36 -19.08 3.23 7.86
CA GLU D 36 -19.89 4.44 7.96
C GLU D 36 -19.49 5.29 9.17
N ASN D 37 -19.20 4.64 10.29
CA ASN D 37 -18.76 5.32 11.51
C ASN D 37 -17.27 5.64 11.56
N GLY D 38 -16.55 5.39 10.46
CA GLY D 38 -15.11 5.71 10.37
C GLY D 38 -14.19 4.71 11.03
N GLU D 39 -14.75 3.62 11.53
CA GLU D 39 -13.94 2.55 12.12
C GLU D 39 -13.33 1.70 11.00
N ILE D 40 -12.23 1.04 11.31
CA ILE D 40 -11.54 0.17 10.35
C ILE D 40 -12.51 -0.93 9.90
N GLY D 41 -12.60 -1.14 8.58
CA GLY D 41 -13.53 -2.12 7.99
C GLY D 41 -13.93 -1.81 6.56
N THR D 42 -14.70 -2.68 5.93
CA THR D 42 -15.13 -2.50 4.54
C THR D 42 -16.65 -2.63 4.39
N SER D 43 -17.30 -1.51 4.07
CA SER D 43 -18.75 -1.47 3.88
C SER D 43 -19.13 -1.69 2.40
N PHE D 44 -19.91 -2.74 2.14
CA PHE D 44 -20.38 -3.04 0.79
C PHE D 44 -21.16 -1.88 0.18
N ASP D 45 -22.00 -1.24 0.99
CA ASP D 45 -22.81 -0.11 0.54
C ASP D 45 -21.96 1.07 0.08
N ARG D 46 -20.89 1.36 0.82
CA ARG D 46 -19.91 2.39 0.42
C ARG D 46 -19.18 2.02 -0.90
N VAL D 47 -18.78 0.76 -1.04
CA VAL D 47 -18.09 0.30 -2.26
C VAL D 47 -19.01 0.43 -3.48
N ASN D 49 -21.67 2.40 -3.75
CA ASN D 49 -21.82 3.83 -3.94
C ASN D 49 -20.64 4.42 -4.71
N ALA D 50 -19.42 4.06 -4.29
CA ALA D 50 -18.20 4.60 -4.88
C ALA D 50 -18.03 4.20 -6.33
N ILE D 51 -18.60 3.07 -6.72
CA ILE D 51 -18.57 2.65 -8.11
C ILE D 51 -19.58 3.48 -8.92
N GLU D 52 -20.71 3.80 -8.30
CA GLU D 52 -21.71 4.67 -8.92
C GLU D 52 -21.23 6.11 -9.00
N GLU D 53 -20.55 6.56 -7.94
CA GLU D 53 -20.07 7.95 -7.78
C GLU D 53 -19.00 8.35 -8.78
N ASN D 54 -18.13 7.41 -9.12
CA ASN D 54 -17.12 7.65 -10.13
C ASN D 54 -17.81 7.90 -11.47
N GLU D 55 -17.29 8.84 -12.23
CA GLU D 55 -17.98 9.30 -13.42
C GLU D 55 -17.70 8.40 -14.62
N ALA D 56 -16.65 7.60 -14.53
CA ALA D 56 -16.25 6.73 -15.64
C ALA D 56 -17.08 5.46 -15.65
N ASP D 57 -17.05 4.77 -16.79
CA ASP D 57 -17.83 3.55 -17.02
C ASP D 57 -16.93 2.31 -17.08
N ASN D 58 -15.63 2.54 -17.25
CA ASN D 58 -14.63 1.48 -17.14
C ASN D 58 -13.72 1.81 -15.97
N LEU D 59 -13.71 0.93 -14.97
CA LEU D 59 -13.06 1.24 -13.70
C LEU D 59 -11.90 0.30 -13.38
N LEU D 60 -10.76 0.91 -13.12
CA LEU D 60 -9.58 0.21 -12.62
C LEU D 60 -9.60 0.33 -11.12
N THR D 61 -9.71 -0.83 -10.45
CA THR D 61 -9.97 -0.86 -9.02
C THR D 61 -8.89 -1.56 -8.22
N PHE D 62 -8.71 -1.06 -7.00
CA PHE D 62 -7.60 -1.43 -6.12
C PHE D 62 -8.07 -1.59 -4.68
N PHE D 63 -7.49 -2.55 -3.96
CA PHE D 63 -7.94 -2.86 -2.60
C PHE D 63 -6.74 -3.19 -1.75
N ASP D 64 -6.91 -3.16 -0.43
CA ASP D 64 -5.85 -3.60 0.46
C ASP D 64 -5.88 -5.11 0.80
N LEU D 65 -6.96 -5.56 1.42
CA LEU D 65 -7.07 -6.92 1.95
C LEU D 65 -8.15 -7.72 1.22
N GLY D 66 -8.13 -9.04 1.37
CA GLY D 66 -9.03 -9.92 0.59
C GLY D 66 -10.53 -9.61 0.64
N SER D 67 -11.02 -9.21 1.81
CA SER D 67 -12.43 -8.84 1.98
C SER D 67 -12.83 -7.63 1.15
N ALA D 68 -11.89 -6.70 0.98
CA ALA D 68 -12.13 -5.51 0.18
C ALA D 68 -12.30 -5.92 -1.26
N ARG D 69 -11.47 -6.88 -1.68
CA ARG D 69 -11.58 -7.44 -3.01
C ARG D 69 -12.94 -8.03 -3.27
N ASN D 71 -15.92 -7.39 -1.90
CA ASN D 71 -16.85 -6.30 -2.16
C ASN D 71 -16.75 -5.79 -3.58
N LEU D 72 -15.53 -5.57 -4.07
CA LEU D 72 -15.33 -5.13 -5.44
C LEU D 72 -15.91 -6.15 -6.41
N ASP D 73 -15.64 -7.43 -6.16
CA ASP D 73 -16.11 -8.50 -7.04
C ASP D 73 -17.66 -8.63 -7.03
N LEU D 74 -18.26 -8.51 -5.85
CA LEU D 74 -19.72 -8.46 -5.68
C LEU D 74 -20.30 -7.33 -6.53
N VAL D 75 -19.78 -6.11 -6.31
CA VAL D 75 -20.24 -4.92 -7.03
C VAL D 75 -20.10 -5.08 -8.55
N SER D 76 -18.99 -5.71 -8.98
CA SER D 76 -18.72 -5.98 -10.39
C SER D 76 -19.85 -6.75 -11.08
N GLU D 77 -20.44 -7.71 -10.35
CA GLU D 77 -21.52 -8.54 -10.87
C GLU D 77 -22.85 -7.81 -10.84
N THR D 79 -23.28 -4.34 -11.62
CA THR D 79 -23.35 -3.16 -12.50
C THR D 79 -22.96 -3.48 -13.95
N ASP D 80 -23.35 -2.59 -14.86
CA ASP D 80 -22.93 -2.66 -16.25
C ASP D 80 -21.57 -1.98 -16.47
N LYS D 81 -21.11 -1.24 -15.46
CA LYS D 81 -19.77 -0.63 -15.52
C LYS D 81 -18.75 -1.73 -15.55
N GLU D 82 -17.73 -1.54 -16.37
CA GLU D 82 -16.70 -2.55 -16.51
C GLU D 82 -15.64 -2.35 -15.42
N LEU D 83 -15.56 -3.28 -14.49
CA LEU D 83 -14.55 -3.18 -13.45
C LEU D 83 -13.45 -4.17 -13.72
N THR D 84 -12.20 -3.72 -13.58
CA THR D 84 -11.06 -4.61 -13.47
C THR D 84 -10.54 -4.55 -12.03
N ILE D 85 -10.35 -5.72 -11.44
CA ILE D 85 -9.88 -5.79 -10.07
C ILE D 85 -8.44 -6.28 -10.16
N PHE D 86 -7.53 -5.43 -9.70
CA PHE D 86 -6.11 -5.67 -9.86
C PHE D 86 -5.55 -6.21 -8.57
N ASN D 87 -5.03 -7.43 -8.64
CA ASN D 87 -4.52 -8.10 -7.45
C ASN D 87 -3.08 -7.70 -7.23
N VAL D 88 -2.90 -6.40 -6.98
CA VAL D 88 -1.61 -5.74 -6.87
C VAL D 88 -1.61 -4.95 -5.54
N PRO D 89 -0.43 -4.49 -5.10
CA PRO D 89 -0.32 -3.63 -3.92
C PRO D 89 -1.20 -2.40 -4.07
N LEU D 90 -1.92 -2.05 -3.01
CA LEU D 90 -2.81 -0.91 -3.07
C LEU D 90 -2.07 0.39 -3.40
N ILE D 91 -1.06 0.74 -2.63
CA ILE D 91 -0.43 2.05 -2.82
C ILE D 91 0.30 2.03 -4.14
N GLU D 92 1.20 1.08 -4.28
CA GLU D 92 2.10 1.04 -5.42
C GLU D 92 1.32 0.83 -6.72
N GLY D 93 0.33 -0.07 -6.70
CA GLY D 93 -0.48 -0.36 -7.87
C GLY D 93 -1.41 0.77 -8.26
N ALA D 94 -2.13 1.35 -7.28
CA ALA D 94 -3.00 2.50 -7.60
C ALA D 94 -2.19 3.71 -8.04
N TYR D 95 -1.04 3.95 -7.40
CA TYR D 95 -0.15 5.05 -7.82
C TYR D 95 0.27 4.84 -9.28
N THR D 96 0.70 3.62 -9.62
CA THR D 96 1.14 3.32 -10.99
C THR D 96 0.06 3.52 -12.04
N ALA D 97 -1.13 2.96 -11.78
CA ALA D 97 -2.26 3.11 -12.68
C ALA D 97 -2.63 4.58 -12.90
N SER D 98 -2.74 5.34 -11.80
CA SER D 98 -3.14 6.74 -11.84
C SER D 98 -2.17 7.65 -12.60
N ALA D 99 -0.88 7.49 -12.34
CA ALA D 99 0.19 8.17 -13.06
C ALA D 99 0.16 7.84 -14.54
N LEU D 100 0.03 6.55 -14.88
CA LEU D 100 -0.01 6.16 -16.28
C LEU D 100 -1.24 6.72 -17.01
N LEU D 101 -2.39 6.63 -16.35
CA LEU D 101 -3.66 7.11 -16.90
C LEU D 101 -3.63 8.64 -17.10
N GLU D 102 -3.12 9.37 -16.11
CA GLU D 102 -2.96 10.81 -16.28
C GLU D 102 -2.12 11.17 -17.52
N ALA D 103 -0.99 10.49 -17.69
CA ALA D 103 -0.07 10.71 -18.84
C ALA D 103 -0.59 10.20 -20.20
N GLY D 104 -1.77 9.60 -20.20
CA GLY D 104 -2.41 9.14 -21.42
C GLY D 104 -1.99 7.77 -21.92
N ALA D 105 -1.53 6.90 -21.02
CA ALA D 105 -1.24 5.52 -21.42
C ALA D 105 -2.56 4.80 -21.65
N THR D 106 -2.56 3.83 -22.56
CA THR D 106 -3.79 3.07 -22.86
C THR D 106 -4.13 2.10 -21.74
N PHE D 107 -5.38 1.63 -21.71
CA PHE D 107 -5.79 0.60 -20.78
C PHE D 107 -4.87 -0.64 -20.84
N GLU D 108 -4.61 -1.11 -22.04
CA GLU D 108 -3.71 -2.26 -22.25
C GLU D 108 -2.31 -2.06 -21.69
N ALA D 109 -1.74 -0.88 -21.92
CA ALA D 109 -0.44 -0.53 -21.37
C ALA D 109 -0.42 -0.51 -19.83
N ILE D 110 -1.48 0.02 -19.23
CA ILE D 110 -1.61 0.02 -17.77
C ILE D 110 -1.70 -1.42 -17.24
N LYS D 111 -2.53 -2.24 -17.88
CA LYS D 111 -2.69 -3.65 -17.50
C LYS D 111 -1.37 -4.41 -17.57
N GLU D 112 -0.64 -4.24 -18.68
CA GLU D 112 0.71 -4.79 -18.84
C GLU D 112 1.69 -4.43 -17.70
N GLN D 113 1.65 -3.18 -17.24
CA GLN D 113 2.50 -2.79 -16.11
C GLN D 113 2.02 -3.44 -14.82
N LEU D 114 0.71 -3.42 -14.58
CA LEU D 114 0.16 -3.99 -13.34
C LEU D 114 0.29 -5.51 -13.27
N GLU D 115 0.23 -6.18 -14.41
CA GLU D 115 0.50 -7.62 -14.43
C GLU D 115 1.88 -7.96 -13.85
N LYS D 116 2.85 -7.09 -14.07
CA LYS D 116 4.19 -7.26 -13.50
C LYS D 116 4.24 -7.33 -11.96
N LEU D 118 1.86 -8.64 -9.60
CA LEU D 118 0.80 -9.47 -9.03
C LEU D 118 1.24 -10.17 -7.74
N ILE D 119 0.41 -10.02 -6.70
CA ILE D 119 0.71 -10.63 -5.40
C ILE D 119 -0.34 -11.67 -4.97
N GLU D 120 0.01 -12.47 -3.96
CA GLU D 120 -0.84 -13.57 -3.49
C GLU D 120 -1.72 -13.14 -2.32
N LYS D 121 -2.83 -12.48 -2.63
CA LYS D 121 -3.69 -11.90 -1.59
C LYS D 121 -4.92 -12.79 -1.33
#